data_2NAU
#
_entry.id   2NAU
#
_entity_poly.entity_id   1
_entity_poly.type   'polypeptide(L)'
_entity_poly.pdbx_seq_one_letter_code
;KYEITTIHNLARKLTHRLARRNAGATLR
;
_entity_poly.pdbx_strand_id   A
#
# COMPACT_ATOMS: atom_id res chain seq x y z
N LYS A 1 3.40 20.60 4.43
CA LYS A 1 2.79 19.28 4.39
C LYS A 1 3.83 18.18 4.53
N TYR A 2 4.91 18.49 5.25
CA TYR A 2 5.99 17.53 5.47
C TYR A 2 5.61 16.51 6.53
N GLU A 3 4.61 16.85 7.33
CA GLU A 3 4.14 15.96 8.40
C GLU A 3 3.19 14.91 7.83
N ILE A 4 2.37 15.31 6.87
CA ILE A 4 1.40 14.40 6.26
C ILE A 4 2.07 13.53 5.19
N THR A 5 3.14 14.06 4.59
CA THR A 5 3.87 13.34 3.55
C THR A 5 4.76 12.27 4.16
N THR A 6 5.25 12.53 5.37
CA THR A 6 6.12 11.59 6.06
C THR A 6 5.32 10.48 6.73
N ILE A 7 4.13 10.83 7.23
CA ILE A 7 3.26 9.86 7.90
C ILE A 7 2.61 8.93 6.89
N HIS A 8 2.35 9.46 5.69
CA HIS A 8 1.73 8.67 4.63
C HIS A 8 2.75 7.78 3.92
N ASN A 9 4.02 8.19 4.00
CA ASN A 9 5.09 7.43 3.37
C ASN A 9 5.50 6.24 4.22
N LEU A 10 5.40 6.41 5.55
CA LEU A 10 5.76 5.35 6.48
C LEU A 10 4.90 4.11 6.25
N ALA A 11 3.70 4.32 5.73
CA ALA A 11 2.77 3.22 5.46
C ALA A 11 2.64 2.98 3.96
N ARG A 12 3.77 3.02 3.25
CA ARG A 12 3.77 2.80 1.81
C ARG A 12 4.12 1.36 1.48
N LYS A 13 4.90 0.73 2.36
CA LYS A 13 5.30 -0.66 2.16
C LYS A 13 4.09 -1.58 2.12
N LEU A 14 3.07 -1.24 2.89
CA LEU A 14 1.85 -2.04 2.94
C LEU A 14 1.10 -1.99 1.61
N THR A 15 1.32 -0.92 0.85
CA THR A 15 0.68 -0.75 -0.44
C THR A 15 1.37 -1.58 -1.52
N HIS A 16 2.67 -1.82 -1.34
CA HIS A 16 3.43 -2.61 -2.28
C HIS A 16 3.22 -4.10 -2.06
N ARG A 17 2.98 -4.47 -0.80
CA ARG A 17 2.76 -5.87 -0.44
C ARG A 17 1.40 -6.35 -0.95
N LEU A 18 0.39 -5.49 -0.83
CA LEU A 18 -0.96 -5.83 -1.27
C LEU A 18 -1.09 -5.66 -2.78
N ALA A 19 -0.27 -4.79 -3.35
CA ALA A 19 -0.29 -4.54 -4.79
C ALA A 19 0.01 -5.81 -5.57
N ARG A 20 0.73 -6.72 -4.94
CA ARG A 20 1.10 -7.98 -5.57
C ARG A 20 -0.12 -8.89 -5.72
N ARG A 21 -0.98 -8.90 -4.71
CA ARG A 21 -2.18 -9.73 -4.73
C ARG A 21 -3.25 -9.11 -5.63
N ASN A 22 -2.99 -9.15 -6.94
CA ASN A 22 -3.93 -8.60 -7.92
C ASN A 22 -4.41 -9.68 -8.88
N ALA A 23 -3.47 -10.42 -9.45
CA ALA A 23 -3.80 -11.48 -10.39
C ALA A 23 -4.82 -12.44 -9.79
N GLY A 24 -4.81 -12.57 -8.47
CA GLY A 24 -5.74 -13.46 -7.80
C GLY A 24 -6.78 -12.71 -7.00
N ALA A 25 -6.98 -11.44 -7.34
CA ALA A 25 -7.96 -10.61 -6.64
C ALA A 25 -9.12 -10.25 -7.54
N THR A 26 -9.53 -11.20 -8.38
CA THR A 26 -10.63 -10.98 -9.31
C THR A 26 -11.81 -11.90 -8.99
N LEU A 27 -11.50 -13.07 -8.45
CA LEU A 27 -12.53 -14.05 -8.09
C LEU A 27 -13.60 -13.41 -7.22
N ARG A 28 -13.27 -13.19 -5.95
CA ARG A 28 -14.20 -12.58 -5.01
C ARG A 28 -14.73 -11.25 -5.55
N LYS A 1 4.06 21.59 4.28
CA LYS A 1 3.91 20.44 5.16
C LYS A 1 4.56 19.19 4.55
N TYR A 2 5.89 19.21 4.47
CA TYR A 2 6.63 18.10 3.90
C TYR A 2 6.78 16.97 4.92
N GLU A 3 6.60 17.30 6.19
CA GLU A 3 6.72 16.32 7.26
C GLU A 3 5.69 15.20 7.09
N ILE A 4 4.66 15.46 6.30
CA ILE A 4 3.61 14.49 6.05
C ILE A 4 4.05 13.48 4.99
N THR A 5 5.01 13.87 4.17
CA THR A 5 5.52 13.02 3.11
C THR A 5 6.43 11.93 3.67
N THR A 6 7.24 12.30 4.66
CA THR A 6 8.15 11.35 5.29
C THR A 6 7.41 10.39 6.21
N ILE A 7 6.40 10.91 6.91
CA ILE A 7 5.61 10.10 7.82
C ILE A 7 4.69 9.15 7.06
N HIS A 8 4.23 9.60 5.89
CA HIS A 8 3.35 8.78 5.06
C HIS A 8 4.13 7.76 4.27
N ASN A 9 5.41 8.03 4.05
CA ASN A 9 6.27 7.13 3.29
C ASN A 9 6.75 5.97 4.17
N LEU A 10 6.94 6.26 5.46
CA LEU A 10 7.39 5.26 6.40
C LEU A 10 6.40 4.09 6.47
N ALA A 11 5.14 4.37 6.19
CA ALA A 11 4.10 3.35 6.22
C ALA A 11 3.49 3.16 4.83
N ARG A 12 4.34 2.97 3.84
CA ARG A 12 3.88 2.77 2.46
C ARG A 12 3.71 1.28 2.16
N LYS A 13 4.47 0.45 2.86
CA LYS A 13 4.39 -0.99 2.67
C LYS A 13 2.99 -1.52 2.95
N LEU A 14 2.31 -0.88 3.90
CA LEU A 14 0.95 -1.28 4.27
C LEU A 14 -0.02 -0.99 3.11
N THR A 15 0.33 -0.04 2.27
CA THR A 15 -0.51 0.32 1.13
C THR A 15 -0.36 -0.68 -0.01
N HIS A 16 0.82 -1.30 -0.09
CA HIS A 16 1.10 -2.28 -1.14
C HIS A 16 0.51 -3.64 -0.77
N ARG A 17 0.45 -3.93 0.52
CA ARG A 17 -0.08 -5.20 1.00
C ARG A 17 -1.60 -5.24 0.84
N LEU A 18 -2.26 -4.12 1.11
CA LEU A 18 -3.71 -4.03 0.99
C LEU A 18 -4.12 -3.83 -0.46
N ALA A 19 -3.24 -3.22 -1.24
CA ALA A 19 -3.51 -2.97 -2.65
C ALA A 19 -3.71 -4.27 -3.42
N ARG A 20 -3.11 -5.35 -2.91
CA ARG A 20 -3.23 -6.65 -3.55
C ARG A 20 -4.66 -7.19 -3.43
N ARG A 21 -5.42 -7.06 -4.51
CA ARG A 21 -6.79 -7.54 -4.53
C ARG A 21 -6.89 -8.90 -5.22
N ASN A 22 -5.83 -9.69 -5.11
CA ASN A 22 -5.80 -11.01 -5.72
C ASN A 22 -6.13 -12.09 -4.69
N ALA A 23 -6.87 -11.72 -3.66
CA ALA A 23 -7.26 -12.65 -2.61
C ALA A 23 -8.38 -13.57 -3.07
N GLY A 24 -9.23 -13.05 -3.96
CA GLY A 24 -10.34 -13.84 -4.47
C GLY A 24 -10.10 -14.33 -5.88
N ALA A 25 -8.84 -14.48 -6.25
CA ALA A 25 -8.48 -14.94 -7.58
C ALA A 25 -7.78 -16.31 -7.52
N THR A 26 -8.23 -17.15 -6.60
CA THR A 26 -7.65 -18.47 -6.43
C THR A 26 -7.85 -19.32 -7.69
N LEU A 27 -8.94 -19.06 -8.41
CA LEU A 27 -9.23 -19.79 -9.63
C LEU A 27 -8.39 -19.29 -10.79
N ARG A 28 -8.04 -18.01 -10.75
CA ARG A 28 -7.23 -17.41 -11.80
C ARG A 28 -5.88 -18.11 -11.92
N LYS A 1 -0.56 18.76 3.68
CA LYS A 1 -0.64 17.32 3.70
C LYS A 1 0.75 16.69 3.61
N TYR A 2 1.74 17.38 4.19
CA TYR A 2 3.11 16.89 4.17
C TYR A 2 3.32 15.82 5.23
N GLU A 3 2.43 15.79 6.21
CA GLU A 3 2.52 14.82 7.30
C GLU A 3 1.94 13.47 6.87
N ILE A 4 0.87 13.52 6.08
CA ILE A 4 0.22 12.31 5.60
C ILE A 4 0.96 11.72 4.40
N THR A 5 1.63 12.59 3.64
CA THR A 5 2.39 12.17 2.47
C THR A 5 3.71 11.52 2.87
N THR A 6 4.27 11.97 3.99
CA THR A 6 5.53 11.44 4.48
C THR A 6 5.33 10.13 5.23
N ILE A 7 4.21 10.03 5.94
CA ILE A 7 3.89 8.82 6.70
C ILE A 7 3.46 7.69 5.77
N HIS A 8 2.82 8.05 4.66
CA HIS A 8 2.36 7.06 3.69
C HIS A 8 3.51 6.59 2.79
N ASN A 9 4.51 7.46 2.64
CA ASN A 9 5.67 7.13 1.81
C ASN A 9 6.64 6.22 2.55
N LEU A 10 6.66 6.34 3.87
CA LEU A 10 7.54 5.54 4.70
C LEU A 10 7.10 4.07 4.70
N ALA A 11 5.81 3.85 4.47
CA ALA A 11 5.27 2.49 4.44
C ALA A 11 5.20 1.97 3.02
N ARG A 12 6.06 2.49 2.15
CA ARG A 12 6.10 2.07 0.75
C ARG A 12 6.22 0.56 0.65
N LYS A 13 6.85 -0.06 1.64
CA LYS A 13 7.04 -1.50 1.66
C LYS A 13 5.76 -2.20 2.14
N LEU A 14 5.04 -1.55 3.05
CA LEU A 14 3.80 -2.12 3.57
C LEU A 14 2.72 -2.18 2.49
N THR A 15 2.84 -1.31 1.50
CA THR A 15 1.88 -1.26 0.41
C THR A 15 2.13 -2.38 -0.61
N HIS A 16 3.39 -2.79 -0.71
CA HIS A 16 3.77 -3.86 -1.63
C HIS A 16 3.45 -5.23 -1.04
N ARG A 17 3.54 -5.33 0.28
CA ARG A 17 3.26 -6.59 0.97
C ARG A 17 1.78 -6.92 0.95
N LEU A 18 0.96 -5.88 1.13
CA LEU A 18 -0.49 -6.06 1.13
C LEU A 18 -1.03 -6.18 -0.30
N ALA A 19 -0.32 -5.57 -1.24
CA ALA A 19 -0.72 -5.63 -2.64
C ALA A 19 -0.76 -7.06 -3.15
N ARG A 20 0.01 -7.93 -2.51
CA ARG A 20 0.05 -9.34 -2.91
C ARG A 20 -1.35 -9.93 -2.95
N ARG A 21 -2.20 -9.49 -2.04
CA ARG A 21 -3.58 -9.98 -1.97
C ARG A 21 -4.55 -8.98 -2.58
N ASN A 22 -4.06 -8.19 -3.54
CA ASN A 22 -4.87 -7.19 -4.21
C ASN A 22 -4.97 -7.47 -5.70
N ALA A 23 -4.82 -8.74 -6.07
CA ALA A 23 -4.89 -9.14 -7.47
C ALA A 23 -6.17 -9.93 -7.75
N GLY A 24 -6.67 -10.62 -6.73
CA GLY A 24 -7.88 -11.41 -6.89
C GLY A 24 -9.13 -10.64 -6.49
N ALA A 25 -9.02 -9.31 -6.48
CA ALA A 25 -10.16 -8.46 -6.12
C ALA A 25 -10.65 -7.66 -7.31
N THR A 26 -10.40 -8.18 -8.51
CA THR A 26 -10.82 -7.51 -9.74
C THR A 26 -11.88 -8.32 -10.46
N LEU A 27 -11.87 -9.63 -10.26
CA LEU A 27 -12.83 -10.52 -10.89
C LEU A 27 -13.66 -11.27 -9.86
N ARG A 28 -14.76 -10.65 -9.43
CA ARG A 28 -15.64 -11.25 -8.44
C ARG A 28 -16.41 -12.42 -9.04
N LYS A 1 -3.02 16.52 3.34
CA LYS A 1 -2.73 15.08 3.33
C LYS A 1 -1.22 14.83 3.40
N TYR A 2 -0.52 15.71 4.10
CA TYR A 2 0.93 15.58 4.25
C TYR A 2 1.29 14.53 5.30
N GLU A 3 0.32 14.21 6.15
CA GLU A 3 0.52 13.23 7.21
C GLU A 3 0.35 11.81 6.67
N ILE A 4 -0.59 11.64 5.74
CA ILE A 4 -0.85 10.34 5.15
C ILE A 4 0.15 10.03 4.04
N THR A 5 0.66 11.08 3.40
CA THR A 5 1.62 10.93 2.32
C THR A 5 3.01 10.61 2.87
N THR A 6 3.31 11.11 4.06
CA THR A 6 4.60 10.87 4.69
C THR A 6 4.65 9.51 5.37
N ILE A 7 3.52 9.10 5.93
CA ILE A 7 3.42 7.80 6.60
C ILE A 7 3.40 6.66 5.60
N HIS A 8 2.83 6.92 4.43
CA HIS A 8 2.74 5.92 3.37
C HIS A 8 4.06 5.80 2.62
N ASN A 9 4.83 6.89 2.62
CA ASN A 9 6.12 6.91 1.93
C ASN A 9 7.18 6.19 2.74
N LEU A 10 7.07 6.28 4.06
CA LEU A 10 8.02 5.64 4.96
C LEU A 10 7.72 4.15 5.10
N ALA A 11 6.47 3.78 4.90
CA ALA A 11 6.05 2.39 5.00
C ALA A 11 5.54 1.87 3.65
N ARG A 12 6.38 1.97 2.63
CA ARG A 12 6.01 1.51 1.29
C ARG A 12 6.30 0.03 1.13
N LYS A 13 7.25 -0.47 1.91
CA LYS A 13 7.63 -1.89 1.86
C LYS A 13 6.43 -2.77 2.19
N LEU A 14 5.55 -2.28 3.05
CA LEU A 14 4.37 -3.04 3.45
C LEU A 14 3.38 -3.14 2.29
N THR A 15 3.33 -2.11 1.46
CA THR A 15 2.43 -2.09 0.32
C THR A 15 2.91 -3.04 -0.77
N HIS A 16 4.22 -3.27 -0.82
CA HIS A 16 4.80 -4.16 -1.82
C HIS A 16 4.63 -5.62 -1.41
N ARG A 17 4.67 -5.87 -0.11
CA ARG A 17 4.53 -7.22 0.41
C ARG A 17 3.09 -7.70 0.28
N LEU A 18 2.14 -6.80 0.53
CA LEU A 18 0.71 -7.13 0.43
C LEU A 18 0.25 -7.11 -1.02
N ALA A 19 0.94 -6.34 -1.84
CA ALA A 19 0.59 -6.25 -3.26
C ALA A 19 0.69 -7.60 -3.95
N ARG A 20 1.56 -8.45 -3.42
CA ARG A 20 1.75 -9.78 -3.99
C ARG A 20 0.47 -10.61 -3.89
N ARG A 21 -0.14 -10.61 -2.71
CA ARG A 21 -1.37 -11.35 -2.48
C ARG A 21 -2.56 -10.64 -3.12
N ASN A 22 -2.60 -10.65 -4.44
CA ASN A 22 -3.69 -10.01 -5.17
C ASN A 22 -4.45 -11.02 -6.02
N ALA A 23 -5.44 -11.66 -5.41
CA ALA A 23 -6.26 -12.65 -6.11
C ALA A 23 -7.68 -12.15 -6.33
N GLY A 24 -8.15 -11.31 -5.41
CA GLY A 24 -9.49 -10.76 -5.54
C GLY A 24 -9.49 -9.27 -5.80
N ALA A 25 -8.58 -8.82 -6.66
CA ALA A 25 -8.47 -7.41 -7.00
C ALA A 25 -8.90 -7.16 -8.44
N THR A 26 -9.97 -7.82 -8.87
CA THR A 26 -10.47 -7.67 -10.23
C THR A 26 -11.12 -6.31 -10.43
N LEU A 27 -12.08 -5.99 -9.57
CA LEU A 27 -12.79 -4.71 -9.65
C LEU A 27 -11.80 -3.55 -9.59
N ARG A 28 -11.29 -3.28 -8.39
CA ARG A 28 -10.34 -2.19 -8.18
C ARG A 28 -8.91 -2.71 -8.22
N LYS A 1 4.01 20.61 5.28
CA LYS A 1 3.25 19.37 5.40
C LYS A 1 4.17 18.16 5.22
N TYR A 2 5.24 18.11 6.01
CA TYR A 2 6.19 17.00 5.94
C TYR A 2 5.67 15.79 6.69
N GLU A 3 4.70 16.01 7.58
CA GLU A 3 4.12 14.94 8.36
C GLU A 3 3.47 13.89 7.46
N ILE A 4 3.16 14.29 6.23
CA ILE A 4 2.54 13.39 5.26
C ILE A 4 3.56 12.46 4.63
N THR A 5 4.83 12.86 4.68
CA THR A 5 5.91 12.07 4.11
C THR A 5 6.26 10.89 5.01
N THR A 6 6.23 11.13 6.32
CA THR A 6 6.54 10.09 7.29
C THR A 6 5.39 9.10 7.43
N ILE A 7 4.17 9.61 7.34
CA ILE A 7 2.99 8.76 7.45
C ILE A 7 2.79 7.92 6.19
N HIS A 8 3.21 8.45 5.06
CA HIS A 8 3.09 7.76 3.78
C HIS A 8 4.20 6.73 3.62
N ASN A 9 5.34 6.98 4.28
CA ASN A 9 6.47 6.08 4.21
C ASN A 9 6.27 4.87 5.11
N LEU A 10 5.57 5.07 6.22
CA LEU A 10 5.30 3.99 7.16
C LEU A 10 4.17 3.09 6.66
N ALA A 11 3.26 3.68 5.90
CA ALA A 11 2.13 2.93 5.35
C ALA A 11 2.24 2.80 3.84
N ARG A 12 3.37 2.30 3.37
CA ARG A 12 3.60 2.13 1.94
C ARG A 12 3.26 0.71 1.50
N LYS A 13 2.40 0.04 2.27
CA LYS A 13 1.99 -1.32 1.95
C LYS A 13 0.93 -1.33 0.86
N LEU A 14 0.15 -0.25 0.78
CA LEU A 14 -0.90 -0.14 -0.23
C LEU A 14 -0.32 -0.22 -1.64
N THR A 15 0.87 0.37 -1.82
CA THR A 15 1.53 0.37 -3.11
C THR A 15 1.82 -1.06 -3.58
N HIS A 16 2.28 -1.89 -2.66
CA HIS A 16 2.60 -3.28 -2.98
C HIS A 16 1.33 -4.13 -3.02
N ARG A 17 0.34 -3.73 -2.22
CA ARG A 17 -0.92 -4.45 -2.17
C ARG A 17 -1.59 -4.50 -3.54
N LEU A 18 -1.57 -3.39 -4.24
CA LEU A 18 -2.16 -3.30 -5.57
C LEU A 18 -1.28 -3.96 -6.61
N ALA A 19 0.03 -3.95 -6.36
CA ALA A 19 0.99 -4.54 -7.29
C ALA A 19 0.89 -6.07 -7.27
N ARG A 20 0.63 -6.62 -6.09
CA ARG A 20 0.50 -8.08 -5.95
C ARG A 20 -0.91 -8.53 -6.27
N ARG A 21 -1.89 -7.69 -5.95
CA ARG A 21 -3.29 -8.00 -6.20
C ARG A 21 -3.62 -7.85 -7.69
N ASN A 22 -3.10 -8.75 -8.51
CA ASN A 22 -3.34 -8.70 -9.94
C ASN A 22 -4.82 -8.85 -10.25
N ALA A 23 -5.35 -10.06 -10.06
CA ALA A 23 -6.76 -10.33 -10.31
C ALA A 23 -7.46 -10.81 -9.04
N GLY A 24 -7.23 -12.06 -8.68
CA GLY A 24 -7.85 -12.61 -7.48
C GLY A 24 -6.85 -12.88 -6.38
N ALA A 25 -5.83 -12.03 -6.28
CA ALA A 25 -4.80 -12.18 -5.26
C ALA A 25 -5.07 -11.26 -4.07
N THR A 26 -6.33 -11.18 -3.66
CA THR A 26 -6.71 -10.33 -2.53
C THR A 26 -7.03 -11.17 -1.30
N LEU A 27 -7.48 -12.40 -1.52
CA LEU A 27 -7.82 -13.30 -0.42
C LEU A 27 -6.56 -13.95 0.15
N ARG A 28 -5.56 -14.15 -0.70
CA ARG A 28 -4.31 -14.76 -0.28
C ARG A 28 -3.35 -13.70 0.28
N LYS A 1 0.83 18.51 2.98
CA LYS A 1 0.55 17.09 3.12
C LYS A 1 1.82 16.31 3.42
N TYR A 2 2.76 16.95 4.11
CA TYR A 2 4.03 16.32 4.46
C TYR A 2 3.86 15.38 5.64
N GLU A 3 2.78 15.58 6.39
CA GLU A 3 2.50 14.74 7.56
C GLU A 3 1.84 13.43 7.15
N ILE A 4 0.98 13.50 6.14
CA ILE A 4 0.30 12.31 5.65
C ILE A 4 1.19 11.50 4.72
N THR A 5 2.11 12.18 4.06
CA THR A 5 3.02 11.52 3.13
C THR A 5 4.13 10.79 3.87
N THR A 6 4.50 11.31 5.04
CA THR A 6 5.55 10.71 5.86
C THR A 6 5.00 9.54 6.67
N ILE A 7 3.76 9.66 7.11
CA ILE A 7 3.12 8.61 7.90
C ILE A 7 2.74 7.42 7.03
N HIS A 8 2.42 7.70 5.76
CA HIS A 8 2.03 6.66 4.83
C HIS A 8 3.26 5.96 4.27
N ASN A 9 4.38 6.66 4.25
CA ASN A 9 5.63 6.11 3.73
C ASN A 9 6.24 5.11 4.72
N LEU A 10 5.98 5.34 6.01
CA LEU A 10 6.49 4.46 7.05
C LEU A 10 5.99 3.03 6.87
N ALA A 11 4.72 2.90 6.51
CA ALA A 11 4.12 1.60 6.29
C ALA A 11 3.61 1.45 4.87
N ARG A 12 4.46 1.77 3.90
CA ARG A 12 4.09 1.69 2.49
C ARG A 12 4.54 0.36 1.89
N LYS A 13 4.71 -0.64 2.75
CA LYS A 13 5.14 -1.96 2.31
C LYS A 13 3.97 -2.75 1.73
N LEU A 14 2.76 -2.44 2.18
CA LEU A 14 1.56 -3.11 1.71
C LEU A 14 1.39 -2.91 0.21
N THR A 15 1.76 -1.73 -0.28
CA THR A 15 1.64 -1.42 -1.70
C THR A 15 2.48 -2.38 -2.55
N HIS A 16 3.69 -2.66 -2.09
CA HIS A 16 4.59 -3.56 -2.80
C HIS A 16 4.18 -5.02 -2.59
N ARG A 17 3.59 -5.29 -1.42
CA ARG A 17 3.15 -6.64 -1.09
C ARG A 17 1.93 -7.03 -1.90
N LEU A 18 1.02 -6.08 -2.08
CA LEU A 18 -0.20 -6.32 -2.84
C LEU A 18 0.06 -6.26 -4.35
N ALA A 19 1.07 -5.50 -4.72
CA ALA A 19 1.44 -5.35 -6.12
C ALA A 19 1.94 -6.68 -6.70
N ARG A 20 2.48 -7.53 -5.84
CA ARG A 20 3.00 -8.83 -6.26
C ARG A 20 2.08 -9.95 -5.78
N ARG A 21 1.70 -9.91 -4.51
CA ARG A 21 0.83 -10.92 -3.94
C ARG A 21 -0.64 -10.52 -4.05
N ASN A 22 -1.18 -10.63 -5.25
CA ASN A 22 -2.58 -10.26 -5.50
C ASN A 22 -3.37 -11.46 -6.00
N ALA A 23 -3.90 -12.25 -5.07
CA ALA A 23 -4.68 -13.43 -5.41
C ALA A 23 -6.16 -13.19 -5.16
N GLY A 24 -6.47 -12.37 -4.17
CA GLY A 24 -7.85 -12.08 -3.84
C GLY A 24 -8.26 -10.67 -4.25
N ALA A 25 -7.60 -10.14 -5.28
CA ALA A 25 -7.90 -8.80 -5.77
C ALA A 25 -8.79 -8.85 -7.00
N THR A 26 -9.69 -9.83 -7.05
CA THR A 26 -10.59 -9.99 -8.17
C THR A 26 -11.75 -9.01 -8.10
N LEU A 27 -12.16 -8.68 -6.87
CA LEU A 27 -13.26 -7.75 -6.66
C LEU A 27 -12.85 -6.33 -7.04
N ARG A 28 -12.04 -5.71 -6.18
CA ARG A 28 -11.58 -4.35 -6.43
C ARG A 28 -10.10 -4.34 -6.84
N LYS A 1 3.60 19.79 5.18
CA LYS A 1 3.16 18.50 4.65
C LYS A 1 4.09 17.38 5.12
N TYR A 2 4.74 17.59 6.25
CA TYR A 2 5.65 16.60 6.81
C TYR A 2 4.89 15.49 7.53
N GLU A 3 3.64 15.79 7.90
CA GLU A 3 2.81 14.83 8.60
C GLU A 3 2.18 13.83 7.62
N ILE A 4 1.83 14.32 6.44
CA ILE A 4 1.22 13.48 5.41
C ILE A 4 2.28 12.68 4.66
N THR A 5 3.48 13.23 4.58
CA THR A 5 4.58 12.56 3.89
C THR A 5 5.17 11.43 4.74
N THR A 6 5.11 11.61 6.06
CA THR A 6 5.63 10.61 6.99
C THR A 6 4.63 9.48 7.20
N ILE A 7 3.34 9.83 7.21
CA ILE A 7 2.29 8.84 7.40
C ILE A 7 2.10 8.00 6.15
N HIS A 8 2.34 8.59 4.99
CA HIS A 8 2.20 7.89 3.72
C HIS A 8 3.42 7.02 3.44
N ASN A 9 4.56 7.40 4.01
CA ASN A 9 5.80 6.66 3.82
C ASN A 9 5.82 5.40 4.69
N LEU A 10 5.05 5.43 5.78
CA LEU A 10 4.99 4.30 6.69
C LEU A 10 4.04 3.23 6.15
N ALA A 11 2.95 3.66 5.53
CA ALA A 11 1.97 2.74 4.97
C ALA A 11 2.14 2.61 3.46
N ARG A 12 3.36 2.83 2.99
CA ARG A 12 3.66 2.75 1.56
C ARG A 12 3.81 1.28 1.14
N LYS A 13 4.25 0.45 2.06
CA LYS A 13 4.44 -0.98 1.78
C LYS A 13 3.10 -1.70 1.70
N LEU A 14 2.13 -1.23 2.50
CA LEU A 14 0.81 -1.83 2.52
C LEU A 14 0.08 -1.60 1.20
N THR A 15 0.47 -0.53 0.50
CA THR A 15 -0.14 -0.21 -0.78
C THR A 15 0.41 -1.09 -1.90
N HIS A 16 1.65 -1.53 -1.75
CA HIS A 16 2.29 -2.38 -2.74
C HIS A 16 1.84 -3.83 -2.59
N ARG A 17 1.54 -4.22 -1.35
CA ARG A 17 1.11 -5.59 -1.07
C ARG A 17 -0.31 -5.81 -1.58
N LEU A 18 -1.17 -4.82 -1.42
CA LEU A 18 -2.55 -4.91 -1.86
C LEU A 18 -2.66 -4.65 -3.35
N ALA A 19 -1.71 -3.89 -3.89
CA ALA A 19 -1.70 -3.56 -5.31
C ALA A 19 -1.56 -4.82 -6.16
N ARG A 20 -0.94 -5.84 -5.59
CA ARG A 20 -0.74 -7.11 -6.29
C ARG A 20 -2.05 -7.87 -6.43
N ARG A 21 -2.72 -7.70 -7.55
CA ARG A 21 -4.00 -8.37 -7.79
C ARG A 21 -3.79 -9.62 -8.65
N ASN A 22 -2.73 -10.35 -8.37
CA ASN A 22 -2.41 -11.56 -9.11
C ASN A 22 -2.41 -12.78 -8.19
N ALA A 23 -2.01 -12.57 -6.95
CA ALA A 23 -1.97 -13.65 -5.96
C ALA A 23 -3.10 -13.51 -4.95
N GLY A 24 -3.57 -12.28 -4.75
CA GLY A 24 -4.64 -12.03 -3.81
C GLY A 24 -5.96 -11.71 -4.50
N ALA A 25 -6.23 -12.37 -5.61
CA ALA A 25 -7.45 -12.15 -6.36
C ALA A 25 -8.54 -13.15 -5.95
N THR A 26 -8.11 -14.32 -5.48
CA THR A 26 -9.05 -15.35 -5.07
C THR A 26 -9.90 -14.88 -3.88
N LEU A 27 -9.37 -13.94 -3.11
CA LEU A 27 -10.07 -13.41 -1.96
C LEU A 27 -11.32 -12.65 -2.39
N ARG A 28 -11.13 -11.46 -2.93
CA ARG A 28 -12.25 -10.63 -3.37
C ARG A 28 -13.00 -11.32 -4.51
N LYS A 1 4.20 21.58 5.71
CA LYS A 1 4.15 20.37 6.51
C LYS A 1 4.51 19.15 5.67
N TYR A 2 5.55 19.29 4.86
CA TYR A 2 6.00 18.18 4.01
C TYR A 2 6.42 16.97 4.85
N GLU A 3 6.69 17.21 6.12
CA GLU A 3 7.09 16.15 7.03
C GLU A 3 6.02 15.07 7.12
N ILE A 4 4.79 15.43 6.74
CA ILE A 4 3.68 14.49 6.77
C ILE A 4 3.70 13.56 5.56
N THR A 5 4.38 13.99 4.50
CA THR A 5 4.48 13.20 3.29
C THR A 5 5.46 12.05 3.45
N THR A 6 6.56 12.33 4.15
CA THR A 6 7.59 11.31 4.39
C THR A 6 7.12 10.30 5.43
N ILE A 7 6.41 10.78 6.45
CA ILE A 7 5.92 9.92 7.51
C ILE A 7 4.75 9.06 7.02
N HIS A 8 3.97 9.60 6.09
CA HIS A 8 2.83 8.89 5.54
C HIS A 8 3.27 7.90 4.46
N ASN A 9 4.43 8.16 3.87
CA ASN A 9 4.96 7.29 2.82
C ASN A 9 5.64 6.07 3.44
N LEU A 10 6.24 6.24 4.60
CA LEU A 10 6.92 5.15 5.29
C LEU A 10 5.94 4.01 5.60
N ALA A 11 4.67 4.35 5.73
CA ALA A 11 3.64 3.36 6.03
C ALA A 11 2.76 3.11 4.81
N ARG A 12 3.39 2.82 3.68
CA ARG A 12 2.66 2.56 2.44
C ARG A 12 2.58 1.06 2.17
N LYS A 13 2.69 0.26 3.22
CA LYS A 13 2.62 -1.19 3.09
C LYS A 13 1.24 -1.63 2.62
N LEU A 14 0.22 -0.89 3.02
CA LEU A 14 -1.16 -1.21 2.63
C LEU A 14 -1.31 -1.17 1.11
N THR A 15 -0.50 -0.35 0.46
CA THR A 15 -0.55 -0.22 -0.99
C THR A 15 0.09 -1.42 -1.67
N HIS A 16 1.04 -2.05 -0.97
CA HIS A 16 1.72 -3.22 -1.51
C HIS A 16 0.87 -4.48 -1.34
N ARG A 17 0.13 -4.54 -0.24
CA ARG A 17 -0.71 -5.69 0.05
C ARG A 17 -1.89 -5.75 -0.93
N LEU A 18 -2.46 -4.59 -1.25
CA LEU A 18 -3.58 -4.52 -2.17
C LEU A 18 -3.10 -4.59 -3.61
N ALA A 19 -1.86 -4.16 -3.85
CA ALA A 19 -1.29 -4.17 -5.19
C ALA A 19 -1.23 -5.59 -5.75
N ARG A 20 -0.94 -6.56 -4.87
CA ARG A 20 -0.85 -7.95 -5.28
C ARG A 20 -2.12 -8.39 -6.00
N ARG A 21 -2.05 -8.48 -7.31
CA ARG A 21 -3.19 -8.89 -8.12
C ARG A 21 -3.35 -10.41 -8.12
N ASN A 22 -2.39 -11.10 -7.49
CA ASN A 22 -2.43 -12.55 -7.41
C ASN A 22 -3.08 -13.00 -6.11
N ALA A 23 -2.65 -12.41 -5.00
CA ALA A 23 -3.20 -12.75 -3.69
C ALA A 23 -4.56 -12.09 -3.48
N GLY A 24 -4.75 -10.92 -4.08
CA GLY A 24 -6.01 -10.21 -3.93
C GLY A 24 -7.17 -10.96 -4.53
N ALA A 25 -6.91 -11.72 -5.59
CA ALA A 25 -7.95 -12.49 -6.27
C ALA A 25 -7.82 -13.97 -5.93
N THR A 26 -7.41 -14.26 -4.71
CA THR A 26 -7.24 -15.65 -4.26
C THR A 26 -8.54 -16.45 -4.46
N LEU A 27 -9.66 -15.75 -4.44
CA LEU A 27 -10.96 -16.39 -4.62
C LEU A 27 -10.99 -17.20 -5.91
N ARG A 28 -10.23 -16.76 -6.91
CA ARG A 28 -10.17 -17.44 -8.19
C ARG A 28 -9.51 -18.81 -8.04
N LYS A 1 3.47 19.19 8.10
CA LYS A 1 3.04 18.21 7.10
C LYS A 1 3.72 16.86 7.34
N TYR A 2 3.94 16.53 8.60
CA TYR A 2 4.58 15.27 8.95
C TYR A 2 3.59 14.12 8.90
N GLU A 3 2.31 14.45 8.95
CA GLU A 3 1.26 13.44 8.91
C GLU A 3 0.98 13.01 7.47
N ILE A 4 1.05 13.95 6.54
CA ILE A 4 0.81 13.67 5.14
C ILE A 4 2.04 13.07 4.48
N THR A 5 3.22 13.41 5.01
CA THR A 5 4.47 12.90 4.47
C THR A 5 4.71 11.46 4.90
N THR A 6 4.22 11.12 6.09
CA THR A 6 4.38 9.77 6.62
C THR A 6 3.36 8.81 6.03
N ILE A 7 2.16 9.32 5.77
CA ILE A 7 1.09 8.51 5.20
C ILE A 7 1.33 8.25 3.72
N HIS A 8 1.98 9.20 3.05
CA HIS A 8 2.28 9.07 1.63
C HIS A 8 3.52 8.19 1.41
N ASN A 9 4.38 8.16 2.41
CA ASN A 9 5.60 7.37 2.33
C ASN A 9 5.31 5.88 2.56
N LEU A 10 4.27 5.60 3.32
CA LEU A 10 3.87 4.23 3.60
C LEU A 10 3.09 3.63 2.45
N ALA A 11 2.37 4.48 1.73
CA ALA A 11 1.57 4.04 0.59
C ALA A 11 2.43 3.24 -0.40
N ARG A 12 3.71 3.54 -0.43
CA ARG A 12 4.64 2.85 -1.33
C ARG A 12 4.51 1.33 -1.17
N LYS A 13 4.64 0.87 0.07
CA LYS A 13 4.55 -0.55 0.36
C LYS A 13 3.11 -1.04 0.27
N LEU A 14 2.17 -0.15 0.57
CA LEU A 14 0.75 -0.48 0.53
C LEU A 14 0.33 -0.88 -0.88
N THR A 15 1.06 -0.38 -1.88
CA THR A 15 0.76 -0.69 -3.27
C THR A 15 1.24 -2.09 -3.64
N HIS A 16 2.31 -2.54 -2.98
CA HIS A 16 2.86 -3.85 -3.23
C HIS A 16 2.06 -4.94 -2.52
N ARG A 17 1.51 -4.58 -1.36
CA ARG A 17 0.71 -5.53 -0.58
C ARG A 17 -0.62 -5.83 -1.27
N LEU A 18 -1.22 -4.79 -1.85
CA LEU A 18 -2.49 -4.94 -2.54
C LEU A 18 -2.29 -5.52 -3.94
N ALA A 19 -1.16 -5.18 -4.55
CA ALA A 19 -0.83 -5.66 -5.88
C ALA A 19 -0.71 -7.18 -5.90
N ARG A 20 -0.20 -7.74 -4.81
CA ARG A 20 -0.02 -9.18 -4.71
C ARG A 20 -1.33 -9.92 -5.01
N ARG A 21 -1.41 -10.50 -6.19
CA ARG A 21 -2.61 -11.23 -6.61
C ARG A 21 -2.30 -12.70 -6.83
N ASN A 22 -1.89 -13.38 -5.76
CA ASN A 22 -1.56 -14.80 -5.84
C ASN A 22 -2.73 -15.60 -6.39
N ALA A 23 -3.76 -15.77 -5.56
CA ALA A 23 -4.95 -16.52 -5.97
C ALA A 23 -6.20 -15.64 -5.93
N GLY A 24 -6.70 -15.38 -4.72
CA GLY A 24 -7.88 -14.56 -4.56
C GLY A 24 -7.58 -13.25 -3.88
N ALA A 25 -6.33 -12.81 -3.95
CA ALA A 25 -5.92 -11.55 -3.34
C ALA A 25 -5.99 -10.40 -4.34
N THR A 26 -7.09 -10.33 -5.08
CA THR A 26 -7.29 -9.28 -6.07
C THR A 26 -8.42 -8.34 -5.66
N LEU A 27 -9.38 -8.88 -4.93
CA LEU A 27 -10.53 -8.10 -4.48
C LEU A 27 -10.26 -7.49 -3.10
N ARG A 28 -9.47 -8.20 -2.30
CA ARG A 28 -9.13 -7.73 -0.95
C ARG A 28 -7.75 -7.08 -0.94
N LYS A 1 0.65 19.70 3.61
CA LYS A 1 0.30 18.29 3.65
C LYS A 1 1.52 17.41 3.36
N TYR A 2 2.70 17.92 3.72
CA TYR A 2 3.94 17.19 3.50
C TYR A 2 4.03 15.99 4.43
N GLU A 3 3.25 16.01 5.50
CA GLU A 3 3.24 14.92 6.47
C GLU A 3 2.85 13.60 5.81
N ILE A 4 2.18 13.70 4.66
CA ILE A 4 1.75 12.52 3.93
C ILE A 4 2.93 11.65 3.54
N THR A 5 4.11 12.26 3.45
CA THR A 5 5.33 11.54 3.08
C THR A 5 5.82 10.67 4.24
N THR A 6 5.59 11.14 5.46
CA THR A 6 6.01 10.41 6.65
C THR A 6 5.07 9.24 6.95
N ILE A 7 3.78 9.48 6.77
CA ILE A 7 2.77 8.45 7.01
C ILE A 7 2.83 7.36 5.94
N HIS A 8 3.20 7.76 4.72
CA HIS A 8 3.31 6.82 3.61
C HIS A 8 4.61 6.03 3.67
N ASN A 9 5.62 6.63 4.30
CA ASN A 9 6.92 5.98 4.43
C ASN A 9 6.89 4.88 5.48
N LEU A 10 5.96 5.00 6.42
CA LEU A 10 5.81 4.01 7.49
C LEU A 10 5.05 2.79 6.99
N ALA A 11 4.05 3.03 6.14
CA ALA A 11 3.24 1.94 5.60
C ALA A 11 3.60 1.67 4.14
N ARG A 12 4.85 1.96 3.78
CA ARG A 12 5.32 1.75 2.42
C ARG A 12 5.22 0.28 2.03
N LYS A 13 5.32 -0.59 3.03
CA LYS A 13 5.25 -2.03 2.80
C LYS A 13 3.82 -2.46 2.47
N LEU A 14 2.86 -1.75 3.05
CA LEU A 14 1.45 -2.06 2.82
C LEU A 14 1.05 -1.74 1.38
N THR A 15 1.64 -0.69 0.83
CA THR A 15 1.34 -0.28 -0.54
C THR A 15 1.92 -1.27 -1.55
N HIS A 16 2.99 -1.96 -1.15
CA HIS A 16 3.64 -2.94 -2.01
C HIS A 16 2.88 -4.25 -2.00
N ARG A 17 2.33 -4.61 -0.84
CA ARG A 17 1.58 -5.84 -0.69
C ARG A 17 0.25 -5.77 -1.43
N LEU A 18 -0.40 -4.60 -1.35
CA LEU A 18 -1.68 -4.40 -2.02
C LEU A 18 -1.48 -4.12 -3.50
N ALA A 19 -0.32 -3.58 -3.86
CA ALA A 19 -0.01 -3.27 -5.25
C ALA A 19 -0.02 -4.52 -6.11
N ARG A 20 0.27 -5.66 -5.48
CA ARG A 20 0.30 -6.93 -6.20
C ARG A 20 -1.12 -7.42 -6.50
N ARG A 21 -1.60 -7.11 -7.69
CA ARG A 21 -2.94 -7.52 -8.10
C ARG A 21 -2.90 -8.79 -8.93
N ASN A 22 -1.93 -9.65 -8.63
CA ASN A 22 -1.78 -10.92 -9.34
C ASN A 22 -2.30 -12.08 -8.51
N ALA A 23 -2.00 -12.06 -7.22
CA ALA A 23 -2.43 -13.11 -6.31
C ALA A 23 -3.53 -12.61 -5.36
N GLY A 24 -3.53 -11.31 -5.11
CA GLY A 24 -4.52 -10.72 -4.23
C GLY A 24 -5.70 -10.14 -4.99
N ALA A 25 -5.88 -10.58 -6.22
CA ALA A 25 -6.97 -10.10 -7.05
C ALA A 25 -8.32 -10.38 -6.40
N THR A 26 -8.36 -11.41 -5.56
CA THR A 26 -9.60 -11.78 -4.87
C THR A 26 -9.54 -11.40 -3.40
N LEU A 27 -9.81 -10.15 -3.10
CA LEU A 27 -9.80 -9.67 -1.72
C LEU A 27 -10.96 -10.25 -0.92
N ARG A 28 -12.04 -10.58 -1.61
CA ARG A 28 -13.21 -11.15 -0.97
C ARG A 28 -12.84 -12.38 -0.14
N LYS A 1 1.44 20.93 6.73
CA LYS A 1 1.40 19.48 6.92
C LYS A 1 2.10 18.76 5.78
N TYR A 2 3.38 19.07 5.58
CA TYR A 2 4.17 18.46 4.52
C TYR A 2 4.56 17.03 4.90
N GLU A 3 4.49 16.73 6.19
CA GLU A 3 4.84 15.39 6.68
C GLU A 3 3.93 14.34 6.06
N ILE A 4 2.78 14.77 5.53
CA ILE A 4 1.83 13.86 4.91
C ILE A 4 2.45 13.15 3.72
N THR A 5 3.54 13.71 3.20
CA THR A 5 4.22 13.11 2.05
C THR A 5 5.16 11.99 2.49
N THR A 6 5.77 12.17 3.65
CA THR A 6 6.69 11.17 4.19
C THR A 6 5.94 10.04 4.90
N ILE A 7 4.75 10.36 5.39
CA ILE A 7 3.94 9.38 6.09
C ILE A 7 3.23 8.46 5.10
N HIS A 8 2.89 8.99 3.93
CA HIS A 8 2.21 8.21 2.90
C HIS A 8 3.21 7.35 2.12
N ASN A 9 4.46 7.79 2.10
CA ASN A 9 5.51 7.05 1.40
C ASN A 9 6.01 5.86 2.23
N LEU A 10 5.93 6.01 3.55
CA LEU A 10 6.37 4.95 4.46
C LEU A 10 5.31 3.86 4.56
N ALA A 11 4.05 4.22 4.36
CA ALA A 11 2.96 3.28 4.42
C ALA A 11 2.59 2.76 3.04
N ARG A 12 3.62 2.48 2.22
CA ARG A 12 3.40 1.98 0.88
C ARG A 12 3.81 0.52 0.77
N LYS A 13 4.81 0.12 1.55
CA LYS A 13 5.29 -1.25 1.56
C LYS A 13 4.25 -2.19 2.15
N LEU A 14 3.49 -1.69 3.12
CA LEU A 14 2.46 -2.49 3.76
C LEU A 14 1.33 -2.82 2.80
N THR A 15 1.17 -1.98 1.79
CA THR A 15 0.13 -2.18 0.78
C THR A 15 0.54 -3.25 -0.23
N HIS A 16 1.84 -3.38 -0.45
CA HIS A 16 2.36 -4.37 -1.39
C HIS A 16 2.41 -5.76 -0.75
N ARG A 17 2.63 -5.79 0.56
CA ARG A 17 2.69 -7.06 1.28
C ARG A 17 1.32 -7.70 1.40
N LEU A 18 0.30 -6.86 1.65
CA LEU A 18 -1.07 -7.34 1.78
C LEU A 18 -1.68 -7.63 0.42
N ALA A 19 -1.19 -6.94 -0.60
CA ALA A 19 -1.68 -7.11 -1.97
C ALA A 19 -1.43 -8.54 -2.46
N ARG A 20 -0.42 -9.18 -1.89
CA ARG A 20 -0.07 -10.55 -2.27
C ARG A 20 -1.28 -11.48 -2.12
N ARG A 21 -2.16 -11.14 -1.18
CA ARG A 21 -3.35 -11.95 -0.92
C ARG A 21 -4.60 -11.26 -1.48
N ASN A 22 -4.42 -10.52 -2.56
CA ASN A 22 -5.53 -9.81 -3.20
C ASN A 22 -5.73 -10.28 -4.64
N ALA A 23 -6.48 -11.36 -4.80
CA ALA A 23 -6.74 -11.91 -6.13
C ALA A 23 -8.17 -11.64 -6.57
N GLY A 24 -9.06 -11.50 -5.59
CA GLY A 24 -10.47 -11.24 -5.89
C GLY A 24 -10.73 -9.77 -6.16
N ALA A 25 -9.97 -8.91 -5.50
CA ALA A 25 -10.13 -7.47 -5.67
C ALA A 25 -10.02 -7.07 -7.15
N THR A 26 -9.27 -7.87 -7.90
CA THR A 26 -9.08 -7.61 -9.32
C THR A 26 -9.77 -8.65 -10.18
N LEU A 27 -9.74 -9.89 -9.73
CA LEU A 27 -10.37 -11.00 -10.45
C LEU A 27 -11.44 -11.67 -9.59
N ARG A 28 -12.66 -11.13 -9.65
CA ARG A 28 -13.77 -11.68 -8.88
C ARG A 28 -13.93 -13.17 -9.15
N LYS A 1 5.37 21.37 4.67
CA LYS A 1 4.60 20.24 5.17
C LYS A 1 5.20 18.92 4.68
N TYR A 2 6.51 18.78 4.84
CA TYR A 2 7.20 17.56 4.41
C TYR A 2 7.02 16.44 5.44
N GLU A 3 6.65 16.82 6.65
CA GLU A 3 6.45 15.84 7.73
C GLU A 3 5.35 14.86 7.36
N ILE A 4 4.51 15.24 6.40
CA ILE A 4 3.42 14.38 5.96
C ILE A 4 3.92 13.32 4.98
N THR A 5 5.05 13.58 4.35
CA THR A 5 5.64 12.65 3.40
C THR A 5 6.28 11.46 4.12
N THR A 6 6.94 11.75 5.24
CA THR A 6 7.60 10.71 6.02
C THR A 6 6.60 9.87 6.78
N ILE A 7 5.55 10.51 7.28
CA ILE A 7 4.51 9.81 8.04
C ILE A 7 3.63 8.98 7.11
N HIS A 8 3.46 9.45 5.88
CA HIS A 8 2.64 8.75 4.89
C HIS A 8 3.42 7.61 4.25
N ASN A 9 4.75 7.73 4.27
CA ASN A 9 5.62 6.71 3.68
C ASN A 9 5.77 5.52 4.63
N LEU A 10 5.77 5.81 5.93
CA LEU A 10 5.91 4.77 6.93
C LEU A 10 4.79 3.73 6.82
N ALA A 11 3.63 4.18 6.33
CA ALA A 11 2.49 3.29 6.16
C ALA A 11 2.07 3.20 4.69
N ARG A 12 3.04 2.96 3.82
CA ARG A 12 2.77 2.86 2.39
C ARG A 12 3.01 1.44 1.89
N LYS A 13 3.92 0.73 2.56
CA LYS A 13 4.24 -0.65 2.18
C LYS A 13 3.05 -1.57 2.43
N LEU A 14 2.35 -1.34 3.54
CA LEU A 14 1.19 -2.15 3.88
C LEU A 14 0.06 -1.95 2.88
N THR A 15 0.08 -0.81 2.19
CA THR A 15 -0.93 -0.49 1.19
C THR A 15 -0.69 -1.26 -0.11
N HIS A 16 0.58 -1.57 -0.38
CA HIS A 16 0.94 -2.30 -1.58
C HIS A 16 0.71 -3.80 -1.40
N ARG A 17 1.01 -4.30 -0.21
CA ARG A 17 0.84 -5.72 0.09
C ARG A 17 -0.63 -6.12 -0.04
N LEU A 18 -1.52 -5.28 0.47
CA LEU A 18 -2.95 -5.55 0.41
C LEU A 18 -3.52 -5.20 -0.97
N ALA A 19 -2.88 -4.26 -1.64
CA ALA A 19 -3.31 -3.84 -2.97
C ALA A 19 -3.15 -4.96 -3.98
N ARG A 20 -2.08 -5.76 -3.81
CA ARG A 20 -1.81 -6.87 -4.71
C ARG A 20 -2.90 -7.94 -4.60
N ARG A 21 -3.86 -7.89 -5.50
CA ARG A 21 -4.96 -8.85 -5.50
C ARG A 21 -4.81 -9.85 -6.65
N ASN A 22 -3.57 -10.16 -7.00
CA ASN A 22 -3.28 -11.10 -8.08
C ASN A 22 -3.01 -12.49 -7.53
N ALA A 23 -2.41 -12.55 -6.34
CA ALA A 23 -2.09 -13.82 -5.70
C ALA A 23 -3.36 -14.59 -5.35
N GLY A 24 -4.42 -13.86 -5.05
CA GLY A 24 -5.68 -14.48 -4.69
C GLY A 24 -6.70 -14.41 -5.81
N ALA A 25 -6.22 -14.28 -7.04
CA ALA A 25 -7.10 -14.20 -8.20
C ALA A 25 -7.23 -15.56 -8.89
N THR A 26 -7.33 -16.61 -8.09
CA THR A 26 -7.47 -17.96 -8.61
C THR A 26 -8.93 -18.36 -8.74
N LEU A 27 -9.62 -18.43 -7.60
CA LEU A 27 -11.04 -18.80 -7.58
C LEU A 27 -11.85 -17.85 -8.45
N ARG A 28 -12.08 -16.65 -7.96
CA ARG A 28 -12.85 -15.64 -8.68
C ARG A 28 -12.00 -14.98 -9.76
N LYS A 1 -0.41 18.68 3.84
CA LYS A 1 -0.61 17.25 3.75
C LYS A 1 0.72 16.51 3.67
N TYR A 2 1.77 17.12 4.21
CA TYR A 2 3.09 16.53 4.21
C TYR A 2 3.23 15.49 5.31
N GLU A 3 2.34 15.55 6.30
CA GLU A 3 2.35 14.61 7.41
C GLU A 3 1.67 13.31 7.03
N ILE A 4 0.62 13.41 6.22
CA ILE A 4 -0.13 12.24 5.79
C ILE A 4 0.57 11.55 4.62
N THR A 5 1.30 12.32 3.84
CA THR A 5 2.03 11.79 2.69
C THR A 5 3.29 11.06 3.13
N THR A 6 3.89 11.51 4.23
CA THR A 6 5.10 10.90 4.75
C THR A 6 4.78 9.67 5.57
N ILE A 7 3.66 9.69 6.28
CA ILE A 7 3.25 8.57 7.11
C ILE A 7 2.71 7.42 6.25
N HIS A 8 2.10 7.78 5.12
CA HIS A 8 1.55 6.79 4.21
C HIS A 8 2.64 6.19 3.33
N ASN A 9 3.73 6.93 3.15
CA ASN A 9 4.85 6.48 2.33
C ASN A 9 5.73 5.50 3.11
N LEU A 10 5.83 5.71 4.42
CA LEU A 10 6.64 4.86 5.27
C LEU A 10 6.14 3.42 5.23
N ALA A 11 4.86 3.24 4.92
CA ALA A 11 4.27 1.92 4.83
C ALA A 11 4.26 1.41 3.39
N ARG A 12 5.25 1.83 2.61
CA ARG A 12 5.36 1.42 1.23
C ARG A 12 5.37 -0.10 1.10
N LYS A 13 5.81 -0.77 2.16
CA LYS A 13 5.86 -2.23 2.18
C LYS A 13 4.47 -2.82 1.97
N LEU A 14 3.44 -2.09 2.40
CA LEU A 14 2.07 -2.55 2.25
C LEU A 14 1.63 -2.53 0.80
N THR A 15 2.29 -1.70 -0.01
CA THR A 15 1.98 -1.58 -1.42
C THR A 15 2.54 -2.76 -2.20
N HIS A 16 3.63 -3.34 -1.71
CA HIS A 16 4.26 -4.47 -2.37
C HIS A 16 3.54 -5.77 -2.01
N ARG A 17 3.12 -5.89 -0.76
CA ARG A 17 2.40 -7.07 -0.30
C ARG A 17 1.12 -7.28 -1.08
N LEU A 18 0.39 -6.19 -1.30
CA LEU A 18 -0.87 -6.25 -2.03
C LEU A 18 -0.63 -6.31 -3.54
N ALA A 19 0.51 -5.79 -3.97
CA ALA A 19 0.87 -5.78 -5.38
C ALA A 19 1.22 -7.19 -5.85
N ARG A 20 1.88 -7.95 -4.99
CA ARG A 20 2.28 -9.32 -5.33
C ARG A 20 1.08 -10.12 -5.82
N ARG A 21 0.01 -10.12 -5.05
CA ARG A 21 -1.20 -10.85 -5.41
C ARG A 21 -2.18 -9.95 -6.15
N ASN A 22 -1.86 -9.64 -7.40
CA ASN A 22 -2.72 -8.78 -8.21
C ASN A 22 -4.07 -9.44 -8.45
N ALA A 23 -4.10 -10.77 -8.43
CA ALA A 23 -5.33 -11.52 -8.64
C ALA A 23 -6.14 -11.61 -7.36
N GLY A 24 -5.44 -11.58 -6.22
CA GLY A 24 -6.11 -11.66 -4.94
C GLY A 24 -6.96 -10.45 -4.65
N ALA A 25 -6.55 -9.29 -5.16
CA ALA A 25 -7.28 -8.05 -4.95
C ALA A 25 -8.01 -7.63 -6.22
N THR A 26 -8.63 -8.60 -6.90
CA THR A 26 -9.37 -8.33 -8.12
C THR A 26 -10.84 -8.11 -7.84
N LEU A 27 -11.16 -7.78 -6.59
CA LEU A 27 -12.54 -7.54 -6.19
C LEU A 27 -12.78 -6.06 -5.93
N ARG A 28 -11.76 -5.37 -5.43
CA ARG A 28 -11.87 -3.95 -5.14
C ARG A 28 -10.99 -3.13 -6.09
N LYS A 1 -1.76 17.63 3.17
CA LYS A 1 -1.61 16.18 3.13
C LYS A 1 -0.13 15.79 3.24
N TYR A 2 0.64 16.61 3.94
CA TYR A 2 2.07 16.36 4.11
C TYR A 2 2.29 15.31 5.20
N GLU A 3 1.29 15.12 6.05
CA GLU A 3 1.38 14.15 7.13
C GLU A 3 1.09 12.74 6.64
N ILE A 4 0.15 12.63 5.70
CA ILE A 4 -0.22 11.34 5.14
C ILE A 4 0.77 10.91 4.06
N THR A 5 1.38 11.89 3.40
CA THR A 5 2.35 11.61 2.34
C THR A 5 3.69 11.18 2.93
N THR A 6 4.01 11.69 4.12
CA THR A 6 5.27 11.35 4.77
C THR A 6 5.16 10.01 5.49
N ILE A 7 3.99 9.72 6.04
CA ILE A 7 3.77 8.47 6.76
C ILE A 7 3.65 7.30 5.78
N HIS A 8 3.13 7.57 4.59
CA HIS A 8 2.97 6.54 3.58
C HIS A 8 4.29 6.28 2.85
N ASN A 9 5.15 7.29 2.83
CA ASN A 9 6.45 7.17 2.16
C ASN A 9 7.40 6.32 2.99
N LEU A 10 7.16 6.28 4.30
CA LEU A 10 8.01 5.49 5.20
C LEU A 10 7.64 4.02 5.15
N ALA A 11 6.35 3.74 5.02
CA ALA A 11 5.86 2.37 4.97
C ALA A 11 5.64 1.93 3.52
N ARG A 12 6.49 2.41 2.62
CA ARG A 12 6.37 2.07 1.21
C ARG A 12 6.37 0.56 1.01
N LYS A 13 7.02 -0.16 1.93
CA LYS A 13 7.09 -1.61 1.86
C LYS A 13 5.72 -2.24 2.09
N LEU A 14 4.97 -1.68 3.04
CA LEU A 14 3.64 -2.17 3.35
C LEU A 14 2.72 -2.09 2.13
N THR A 15 2.84 -1.01 1.38
CA THR A 15 2.02 -0.81 0.18
C THR A 15 2.34 -1.86 -0.88
N HIS A 16 3.57 -2.37 -0.85
CA HIS A 16 3.99 -3.38 -1.82
C HIS A 16 3.50 -4.76 -1.40
N ARG A 17 3.56 -5.04 -0.11
CA ARG A 17 3.12 -6.33 0.43
C ARG A 17 1.65 -6.56 0.12
N LEU A 18 0.84 -5.53 0.30
CA LEU A 18 -0.59 -5.62 0.05
C LEU A 18 -0.89 -5.59 -1.45
N ALA A 19 -0.05 -4.86 -2.19
CA ALA A 19 -0.23 -4.74 -3.63
C ALA A 19 -0.11 -6.11 -4.31
N ARG A 20 0.61 -7.02 -3.66
CA ARG A 20 0.81 -8.35 -4.20
C ARG A 20 -0.49 -9.17 -4.13
N ARG A 21 -1.25 -8.97 -3.06
CA ARG A 21 -2.50 -9.68 -2.87
C ARG A 21 -3.69 -8.78 -3.17
N ASN A 22 -3.49 -7.80 -4.06
CA ASN A 22 -4.53 -6.87 -4.42
C ASN A 22 -4.86 -6.96 -5.91
N ALA A 23 -3.83 -6.83 -6.74
CA ALA A 23 -4.00 -6.91 -8.18
C ALA A 23 -4.52 -8.28 -8.61
N GLY A 24 -4.15 -9.31 -7.84
CA GLY A 24 -4.59 -10.66 -8.15
C GLY A 24 -5.93 -10.99 -7.52
N ALA A 25 -6.29 -10.27 -6.47
CA ALA A 25 -7.56 -10.49 -5.78
C ALA A 25 -8.65 -9.59 -6.35
N THR A 26 -8.71 -9.50 -7.68
CA THR A 26 -9.71 -8.67 -8.35
C THR A 26 -10.80 -9.52 -8.98
N LEU A 27 -11.75 -9.96 -8.16
CA LEU A 27 -12.85 -10.79 -8.64
C LEU A 27 -13.73 -10.01 -9.62
N ARG A 28 -13.82 -8.70 -9.40
CA ARG A 28 -14.63 -7.84 -10.27
C ARG A 28 -13.77 -7.16 -11.33
N LYS A 1 1.06 19.93 4.82
CA LYS A 1 0.55 18.55 4.82
C LYS A 1 1.62 17.58 4.37
N TYR A 2 2.88 17.95 4.57
CA TYR A 2 4.01 17.11 4.17
C TYR A 2 4.03 15.82 4.99
N GLU A 3 3.34 15.84 6.13
CA GLU A 3 3.29 14.67 7.00
C GLU A 3 2.68 13.48 6.28
N ILE A 4 1.94 13.75 5.22
CA ILE A 4 1.30 12.70 4.44
C ILE A 4 2.33 11.74 3.86
N THR A 5 3.56 12.21 3.72
CA THR A 5 4.64 11.40 3.19
C THR A 5 5.12 10.38 4.21
N THR A 6 5.05 10.76 5.48
CA THR A 6 5.48 9.87 6.56
C THR A 6 4.43 8.80 6.85
N ILE A 7 3.16 9.20 6.82
CA ILE A 7 2.06 8.27 7.07
C ILE A 7 1.90 7.28 5.91
N HIS A 8 2.21 7.75 4.70
CA HIS A 8 2.10 6.92 3.51
C HIS A 8 3.29 5.99 3.38
N ASN A 9 4.42 6.40 3.96
CA ASN A 9 5.65 5.60 3.90
C ASN A 9 5.55 4.40 4.84
N LEU A 10 4.72 4.52 5.87
CA LEU A 10 4.53 3.44 6.83
C LEU A 10 3.59 2.38 6.28
N ALA A 11 2.57 2.81 5.56
CA ALA A 11 1.60 1.90 4.97
C ALA A 11 1.88 1.66 3.50
N ARG A 12 3.16 1.65 3.14
CA ARG A 12 3.58 1.43 1.76
C ARG A 12 3.91 -0.04 1.52
N LYS A 13 4.32 -0.73 2.58
CA LYS A 13 4.66 -2.15 2.49
C LYS A 13 3.43 -2.99 2.16
N LEU A 14 2.28 -2.56 2.67
CA LEU A 14 1.03 -3.28 2.43
C LEU A 14 0.63 -3.20 0.96
N THR A 15 0.91 -2.06 0.34
CA THR A 15 0.58 -1.86 -1.08
C THR A 15 1.46 -2.73 -1.97
N HIS A 16 2.66 -3.04 -1.49
CA HIS A 16 3.60 -3.86 -2.26
C HIS A 16 3.24 -5.34 -2.15
N ARG A 17 2.77 -5.74 -0.97
CA ARG A 17 2.39 -7.12 -0.73
C ARG A 17 1.15 -7.49 -1.53
N LEU A 18 0.20 -6.57 -1.60
CA LEU A 18 -1.05 -6.80 -2.34
C LEU A 18 -0.83 -6.63 -3.84
N ALA A 19 0.07 -5.70 -4.20
CA ALA A 19 0.37 -5.44 -5.60
C ALA A 19 0.90 -6.69 -6.29
N ARG A 20 1.64 -7.51 -5.54
CA ARG A 20 2.21 -8.73 -6.08
C ARG A 20 1.16 -9.84 -6.14
N ARG A 21 0.18 -9.78 -5.24
CA ARG A 21 -0.87 -10.78 -5.19
C ARG A 21 -2.23 -10.15 -5.51
N ASN A 22 -2.53 -10.02 -6.80
CA ASN A 22 -3.80 -9.44 -7.24
C ASN A 22 -4.82 -10.52 -7.53
N ALA A 23 -4.73 -11.63 -6.80
CA ALA A 23 -5.66 -12.74 -6.98
C ALA A 23 -6.82 -12.65 -5.99
N GLY A 24 -6.57 -12.00 -4.86
CA GLY A 24 -7.61 -11.86 -3.85
C GLY A 24 -8.23 -10.48 -3.84
N ALA A 25 -7.46 -9.49 -4.27
CA ALA A 25 -7.94 -8.11 -4.31
C ALA A 25 -8.47 -7.76 -5.70
N THR A 26 -8.98 -8.76 -6.40
CA THR A 26 -9.52 -8.56 -7.75
C THR A 26 -10.71 -7.61 -7.72
N LEU A 27 -11.69 -7.94 -6.89
CA LEU A 27 -12.90 -7.12 -6.77
C LEU A 27 -12.54 -5.66 -6.45
N ARG A 28 -11.44 -5.48 -5.73
CA ARG A 28 -10.98 -4.14 -5.35
C ARG A 28 -9.65 -3.82 -6.04
N LYS A 1 3.74 21.25 7.65
CA LYS A 1 3.19 19.90 7.56
C LYS A 1 4.17 18.94 6.89
N TYR A 2 5.43 19.02 7.29
CA TYR A 2 6.47 18.17 6.74
C TYR A 2 6.20 16.69 7.04
N GLU A 3 5.36 16.46 8.04
CA GLU A 3 5.02 15.09 8.44
C GLU A 3 4.35 14.35 7.29
N ILE A 4 3.84 15.10 6.32
CA ILE A 4 3.17 14.50 5.17
C ILE A 4 4.12 13.59 4.39
N THR A 5 5.43 13.78 4.62
CA THR A 5 6.44 12.97 3.95
C THR A 5 6.62 11.63 4.65
N THR A 6 6.48 11.63 5.97
CA THR A 6 6.63 10.42 6.76
C THR A 6 5.37 9.58 6.73
N ILE A 7 4.22 10.24 6.54
CA ILE A 7 2.94 9.55 6.49
C ILE A 7 2.72 8.90 5.12
N HIS A 8 3.27 9.51 4.09
CA HIS A 8 3.14 8.98 2.73
C HIS A 8 4.14 7.86 2.48
N ASN A 9 5.24 7.88 3.23
CA ASN A 9 6.27 6.86 3.09
C ASN A 9 5.87 5.58 3.82
N LEU A 10 5.07 5.72 4.87
CA LEU A 10 4.62 4.57 5.64
C LEU A 10 3.50 3.83 4.91
N ALA A 11 2.67 4.57 4.19
CA ALA A 11 1.57 3.97 3.44
C ALA A 11 1.94 3.80 1.97
N ARG A 12 3.20 3.44 1.72
CA ARG A 12 3.68 3.24 0.36
C ARG A 12 3.72 1.75 0.02
N LYS A 13 3.93 0.92 1.02
CA LYS A 13 4.00 -0.52 0.83
C LYS A 13 2.59 -1.12 0.72
N LEU A 14 1.62 -0.46 1.36
CA LEU A 14 0.24 -0.92 1.33
C LEU A 14 -0.29 -0.95 -0.10
N THR A 15 0.11 0.03 -0.91
CA THR A 15 -0.33 0.11 -2.29
C THR A 15 0.10 -1.13 -3.07
N HIS A 16 1.34 -1.56 -2.85
CA HIS A 16 1.87 -2.74 -3.54
C HIS A 16 1.29 -4.02 -2.95
N ARG A 17 0.91 -3.95 -1.67
CA ARG A 17 0.35 -5.11 -0.99
C ARG A 17 -1.10 -5.34 -1.41
N LEU A 18 -1.85 -4.25 -1.57
CA LEU A 18 -3.25 -4.34 -1.97
C LEU A 18 -3.37 -4.57 -3.48
N ALA A 19 -2.36 -4.13 -4.22
CA ALA A 19 -2.35 -4.28 -5.67
C ALA A 19 -2.17 -5.74 -6.06
N ARG A 20 -1.35 -6.46 -5.30
CA ARG A 20 -1.09 -7.87 -5.57
C ARG A 20 -2.32 -8.71 -5.26
N ARG A 21 -3.17 -8.91 -6.26
CA ARG A 21 -4.38 -9.70 -6.10
C ARG A 21 -4.23 -11.08 -6.75
N ASN A 22 -2.99 -11.56 -6.82
CA ASN A 22 -2.71 -12.86 -7.42
C ASN A 22 -2.57 -13.93 -6.34
N ALA A 23 -1.98 -13.55 -5.20
CA ALA A 23 -1.78 -14.48 -4.10
C ALA A 23 -2.75 -14.18 -2.96
N GLY A 24 -3.14 -12.91 -2.83
CA GLY A 24 -4.07 -12.52 -1.78
C GLY A 24 -5.50 -12.40 -2.28
N ALA A 25 -5.83 -13.19 -3.29
CA ALA A 25 -7.18 -13.16 -3.85
C ALA A 25 -7.91 -14.47 -3.58
N THR A 26 -7.97 -14.87 -2.32
CA THR A 26 -8.63 -16.11 -1.93
C THR A 26 -10.14 -16.00 -2.13
N LEU A 27 -10.67 -14.79 -2.02
CA LEU A 27 -12.10 -14.56 -2.19
C LEU A 27 -12.55 -14.99 -3.57
N ARG A 28 -11.66 -14.87 -4.55
CA ARG A 28 -11.97 -15.25 -5.92
C ARG A 28 -12.01 -16.77 -6.07
N LYS A 1 -2.15 16.72 1.93
CA LYS A 1 -1.90 15.30 1.84
C LYS A 1 -0.56 14.94 2.48
N TYR A 2 -0.18 15.71 3.49
CA TYR A 2 1.09 15.48 4.19
C TYR A 2 0.94 14.34 5.20
N GLU A 3 -0.30 14.03 5.57
CA GLU A 3 -0.57 12.97 6.52
C GLU A 3 -0.55 11.60 5.84
N ILE A 4 -1.05 11.56 4.61
CA ILE A 4 -1.09 10.32 3.85
C ILE A 4 0.27 10.02 3.21
N THR A 5 1.03 11.08 2.93
CA THR A 5 2.35 10.93 2.31
C THR A 5 3.37 10.49 3.34
N THR A 6 3.17 10.89 4.59
CA THR A 6 4.09 10.53 5.67
C THR A 6 3.81 9.12 6.18
N ILE A 7 2.54 8.74 6.20
CA ILE A 7 2.14 7.43 6.66
C ILE A 7 2.49 6.35 5.63
N HIS A 8 2.45 6.72 4.36
CA HIS A 8 2.76 5.80 3.28
C HIS A 8 4.27 5.64 3.11
N ASN A 9 5.01 6.68 3.52
CA ASN A 9 6.47 6.66 3.41
C ASN A 9 7.09 5.83 4.53
N LEU A 10 6.36 5.71 5.64
CA LEU A 10 6.85 4.94 6.78
C LEU A 10 6.62 3.45 6.57
N ALA A 11 5.50 3.11 5.94
CA ALA A 11 5.17 1.71 5.68
C ALA A 11 5.14 1.44 4.18
N ARG A 12 6.15 1.92 3.47
CA ARG A 12 6.23 1.72 2.03
C ARG A 12 6.19 0.24 1.67
N LYS A 13 6.59 -0.60 2.62
CA LYS A 13 6.60 -2.04 2.41
C LYS A 13 5.19 -2.55 2.10
N LEU A 14 4.19 -1.90 2.69
CA LEU A 14 2.80 -2.29 2.49
C LEU A 14 2.36 -1.99 1.06
N THR A 15 3.04 -1.04 0.42
CA THR A 15 2.72 -0.67 -0.95
C THR A 15 3.24 -1.70 -1.95
N HIS A 16 4.32 -2.38 -1.58
CA HIS A 16 4.91 -3.39 -2.44
C HIS A 16 4.15 -4.72 -2.32
N ARG A 17 3.73 -5.05 -1.10
CA ARG A 17 3.00 -6.28 -0.86
C ARG A 17 1.70 -6.31 -1.65
N LEU A 18 1.00 -5.17 -1.65
CA LEU A 18 -0.27 -5.06 -2.37
C LEU A 18 -0.04 -4.90 -3.87
N ALA A 19 1.07 -4.25 -4.22
CA ALA A 19 1.41 -4.03 -5.62
C ALA A 19 1.60 -5.36 -6.36
N ARG A 20 2.05 -6.37 -5.62
CA ARG A 20 2.27 -7.69 -6.19
C ARG A 20 1.06 -8.60 -5.97
N ARG A 21 0.52 -8.56 -4.76
CA ARG A 21 -0.64 -9.38 -4.42
C ARG A 21 -1.93 -8.59 -4.57
N ASN A 22 -2.38 -8.43 -5.82
CA ASN A 22 -3.60 -7.70 -6.10
C ASN A 22 -4.71 -8.64 -6.52
N ALA A 23 -4.64 -9.88 -6.07
CA ALA A 23 -5.64 -10.89 -6.42
C ALA A 23 -6.91 -10.67 -5.60
N GLY A 24 -6.76 -10.14 -4.39
CA GLY A 24 -7.90 -9.91 -3.54
C GLY A 24 -8.24 -8.43 -3.42
N ALA A 25 -7.84 -7.65 -4.43
CA ALA A 25 -8.11 -6.22 -4.43
C ALA A 25 -9.29 -5.88 -5.34
N THR A 26 -10.22 -6.83 -5.47
CA THR A 26 -11.39 -6.64 -6.31
C THR A 26 -12.57 -6.13 -5.48
N LEU A 27 -12.56 -6.43 -4.19
CA LEU A 27 -13.64 -6.01 -3.30
C LEU A 27 -13.75 -4.49 -3.27
N ARG A 28 -12.65 -3.82 -3.56
CA ARG A 28 -12.62 -2.36 -3.56
C ARG A 28 -13.35 -1.81 -4.78
N LYS A 1 -0.51 19.90 4.97
CA LYS A 1 -0.33 18.55 5.49
C LYS A 1 0.47 17.70 4.52
N TYR A 2 1.59 18.24 4.04
CA TYR A 2 2.43 17.52 3.09
C TYR A 2 2.98 16.24 3.72
N GLU A 3 2.95 16.17 5.05
CA GLU A 3 3.44 15.01 5.76
C GLU A 3 2.65 13.76 5.37
N ILE A 4 1.47 13.97 4.79
CA ILE A 4 0.62 12.86 4.38
C ILE A 4 1.31 12.00 3.33
N THR A 5 2.34 12.56 2.68
CA THR A 5 3.08 11.85 1.66
C THR A 5 4.14 10.94 2.27
N THR A 6 4.73 11.40 3.37
CA THR A 6 5.76 10.62 4.05
C THR A 6 5.14 9.58 4.97
N ILE A 7 3.91 9.84 5.43
CA ILE A 7 3.21 8.92 6.31
C ILE A 7 2.61 7.76 5.52
N HIS A 8 2.22 8.03 4.29
CA HIS A 8 1.64 7.00 3.43
C HIS A 8 2.72 6.13 2.81
N ASN A 9 3.93 6.68 2.70
CA ASN A 9 5.05 5.95 2.12
C ASN A 9 5.65 4.98 3.14
N LEU A 10 5.61 5.37 4.41
CA LEU A 10 6.16 4.53 5.48
C LEU A 10 5.44 3.19 5.53
N ALA A 11 4.19 3.17 5.09
CA ALA A 11 3.40 1.94 5.09
C ALA A 11 3.15 1.46 3.66
N ARG A 12 4.21 1.38 2.87
CA ARG A 12 4.10 0.94 1.49
C ARG A 12 4.30 -0.57 1.38
N LYS A 13 5.02 -1.13 2.34
CA LYS A 13 5.28 -2.57 2.36
C LYS A 13 3.98 -3.36 2.44
N LEU A 14 2.99 -2.79 3.12
CA LEU A 14 1.69 -3.43 3.27
C LEU A 14 0.95 -3.50 1.93
N THR A 15 1.14 -2.47 1.11
CA THR A 15 0.50 -2.40 -0.20
C THR A 15 1.12 -3.40 -1.16
N HIS A 16 2.38 -3.74 -0.94
CA HIS A 16 3.09 -4.68 -1.79
C HIS A 16 2.72 -6.12 -1.43
N ARG A 17 2.47 -6.35 -0.15
CA ARG A 17 2.10 -7.68 0.33
C ARG A 17 0.69 -8.05 -0.10
N LEU A 18 -0.21 -7.07 -0.06
CA LEU A 18 -1.60 -7.30 -0.45
C LEU A 18 -1.75 -7.26 -1.97
N ALA A 19 -0.85 -6.53 -2.62
CA ALA A 19 -0.87 -6.42 -4.08
C ALA A 19 -0.73 -7.79 -4.75
N ARG A 20 -0.11 -8.72 -4.03
CA ARG A 20 0.08 -10.07 -4.56
C ARG A 20 -1.23 -10.67 -5.04
N ARG A 21 -1.35 -10.81 -6.36
CA ARG A 21 -2.56 -11.37 -6.95
C ARG A 21 -2.62 -12.88 -6.76
N ASN A 22 -2.83 -13.31 -5.53
CA ASN A 22 -2.90 -14.73 -5.21
C ASN A 22 -4.18 -15.35 -5.78
N ALA A 23 -5.30 -15.05 -5.13
CA ALA A 23 -6.60 -15.57 -5.57
C ALA A 23 -7.56 -14.45 -5.93
N GLY A 24 -8.11 -13.79 -4.91
CA GLY A 24 -9.03 -12.70 -5.14
C GLY A 24 -8.48 -11.36 -4.69
N ALA A 25 -7.21 -11.12 -5.02
CA ALA A 25 -6.56 -9.86 -4.65
C ALA A 25 -6.10 -9.10 -5.89
N THR A 26 -7.04 -8.79 -6.77
CA THR A 26 -6.73 -8.05 -7.99
C THR A 26 -6.73 -6.55 -7.76
N LEU A 27 -7.82 -6.05 -7.18
CA LEU A 27 -7.95 -4.63 -6.90
C LEU A 27 -7.72 -4.34 -5.42
N ARG A 28 -8.71 -4.67 -4.60
CA ARG A 28 -8.61 -4.46 -3.16
C ARG A 28 -8.09 -5.70 -2.45
N LYS A 1 2.00 20.88 5.55
CA LYS A 1 1.64 19.55 6.02
C LYS A 1 2.68 18.52 5.57
N TYR A 2 3.94 18.81 5.84
CA TYR A 2 5.03 17.90 5.47
C TYR A 2 4.90 16.58 6.20
N GLU A 3 4.15 16.57 7.28
CA GLU A 3 3.95 15.35 8.07
C GLU A 3 3.31 14.25 7.23
N ILE A 4 2.60 14.66 6.18
CA ILE A 4 1.94 13.71 5.29
C ILE A 4 2.96 12.87 4.53
N THR A 5 4.18 13.38 4.42
CA THR A 5 5.25 12.69 3.71
C THR A 5 5.75 11.50 4.52
N THR A 6 5.86 11.68 5.83
CA THR A 6 6.34 10.63 6.71
C THR A 6 5.28 9.54 6.88
N ILE A 7 4.03 9.95 7.01
CA ILE A 7 2.92 9.02 7.18
C ILE A 7 2.64 8.26 5.88
N HIS A 8 2.88 8.93 4.75
CA HIS A 8 2.65 8.33 3.45
C HIS A 8 3.81 7.42 3.05
N ASN A 9 4.99 7.71 3.59
CA ASN A 9 6.19 6.93 3.30
C ASN A 9 6.18 5.62 4.10
N LEU A 10 5.60 5.67 5.29
CA LEU A 10 5.54 4.49 6.16
C LEU A 10 4.42 3.55 5.72
N ALA A 11 3.39 4.12 5.09
CA ALA A 11 2.27 3.34 4.61
C ALA A 11 2.32 3.14 3.11
N ARG A 12 3.53 3.09 2.57
CA ARG A 12 3.73 2.91 1.14
C ARG A 12 3.98 1.44 0.80
N LYS A 13 4.52 0.72 1.75
CA LYS A 13 4.82 -0.70 1.57
C LYS A 13 3.53 -1.51 1.46
N LEU A 14 2.50 -1.07 2.16
CA LEU A 14 1.21 -1.76 2.15
C LEU A 14 0.51 -1.57 0.80
N THR A 15 0.93 -0.55 0.06
CA THR A 15 0.36 -0.26 -1.25
C THR A 15 0.93 -1.18 -2.32
N HIS A 16 2.20 -1.54 -2.16
CA HIS A 16 2.87 -2.42 -3.12
C HIS A 16 2.54 -3.87 -2.84
N ARG A 17 2.33 -4.20 -1.57
CA ARG A 17 2.00 -5.57 -1.17
C ARG A 17 0.62 -5.95 -1.65
N LEU A 18 -0.29 -4.98 -1.72
CA LEU A 18 -1.65 -5.22 -2.17
C LEU A 18 -1.68 -5.65 -3.63
N ALA A 19 -0.68 -5.21 -4.39
CA ALA A 19 -0.59 -5.55 -5.81
C ALA A 19 -0.39 -7.06 -6.00
N ARG A 20 0.27 -7.68 -5.04
CA ARG A 20 0.53 -9.12 -5.10
C ARG A 20 -0.78 -9.90 -5.24
N ARG A 21 -1.01 -10.43 -6.44
CA ARG A 21 -2.22 -11.20 -6.70
C ARG A 21 -1.94 -12.69 -6.68
N ASN A 22 -1.04 -13.10 -5.79
CA ASN A 22 -0.67 -14.50 -5.66
C ASN A 22 -1.43 -15.17 -4.51
N ALA A 23 -1.67 -14.40 -3.46
CA ALA A 23 -2.39 -14.90 -2.29
C ALA A 23 -3.69 -14.13 -2.07
N GLY A 24 -3.68 -12.86 -2.46
CA GLY A 24 -4.87 -12.03 -2.28
C GLY A 24 -5.73 -12.00 -3.53
N ALA A 25 -5.66 -13.07 -4.32
CA ALA A 25 -6.45 -13.15 -5.54
C ALA A 25 -7.94 -13.00 -5.25
N THR A 26 -8.33 -13.34 -4.02
CA THR A 26 -9.73 -13.25 -3.61
C THR A 26 -9.97 -11.98 -2.79
N LEU A 27 -10.09 -10.85 -3.47
CA LEU A 27 -10.33 -9.58 -2.82
C LEU A 27 -11.77 -9.47 -2.34
N ARG A 28 -12.67 -10.16 -3.04
CA ARG A 28 -14.08 -10.15 -2.68
C ARG A 28 -14.45 -11.37 -1.84
N LYS A 1 -2.98 17.51 2.29
CA LYS A 1 -2.70 16.26 3.00
C LYS A 1 -1.26 15.81 2.77
N TYR A 2 -0.32 16.54 3.36
CA TYR A 2 1.09 16.22 3.23
C TYR A 2 1.43 14.94 3.99
N GLU A 3 0.57 14.57 4.93
CA GLU A 3 0.79 13.38 5.73
C GLU A 3 0.83 12.13 4.85
N ILE A 4 0.31 12.26 3.63
CA ILE A 4 0.29 11.15 2.69
C ILE A 4 1.71 10.68 2.36
N THR A 5 2.69 11.55 2.61
CA THR A 5 4.08 11.23 2.35
C THR A 5 4.68 10.40 3.48
N THR A 6 4.27 10.69 4.70
CA THR A 6 4.76 9.97 5.87
C THR A 6 4.02 8.65 6.06
N ILE A 7 2.79 8.59 5.56
CA ILE A 7 1.98 7.39 5.68
C ILE A 7 2.40 6.35 4.64
N HIS A 8 2.85 6.82 3.49
CA HIS A 8 3.28 5.93 2.41
C HIS A 8 4.69 5.42 2.67
N ASN A 9 5.46 6.18 3.42
CA ASN A 9 6.84 5.81 3.73
C ASN A 9 6.88 4.76 4.84
N LEU A 10 5.92 4.83 5.75
CA LEU A 10 5.84 3.89 6.86
C LEU A 10 5.22 2.57 6.40
N ALA A 11 4.28 2.65 5.46
CA ALA A 11 3.62 1.46 4.94
C ALA A 11 4.19 1.06 3.58
N ARG A 12 5.48 1.31 3.40
CA ARG A 12 6.15 0.97 2.14
C ARG A 12 5.98 -0.50 1.81
N LYS A 13 5.92 -1.33 2.86
CA LYS A 13 5.77 -2.76 2.67
C LYS A 13 4.42 -3.10 2.02
N LEU A 14 3.42 -2.28 2.32
CA LEU A 14 2.08 -2.49 1.76
C LEU A 14 2.07 -2.18 0.26
N THR A 15 3.02 -1.36 -0.17
CA THR A 15 3.12 -0.98 -1.58
C THR A 15 3.72 -2.11 -2.40
N HIS A 16 4.56 -2.92 -1.77
CA HIS A 16 5.20 -4.05 -2.45
C HIS A 16 4.25 -5.24 -2.55
N ARG A 17 3.50 -5.48 -1.47
CA ARG A 17 2.56 -6.59 -1.43
C ARG A 17 1.51 -6.45 -2.54
N LEU A 18 1.01 -5.24 -2.71
CA LEU A 18 0.00 -4.98 -3.74
C LEU A 18 0.64 -4.90 -5.13
N ALA A 19 1.88 -4.45 -5.17
CA ALA A 19 2.61 -4.33 -6.43
C ALA A 19 2.77 -5.69 -7.10
N ARG A 20 2.88 -6.74 -6.29
CA ARG A 20 3.04 -8.09 -6.79
C ARG A 20 1.70 -8.81 -6.89
N ARG A 21 0.78 -8.44 -6.01
CA ARG A 21 -0.55 -9.04 -6.01
C ARG A 21 -1.63 -8.00 -6.30
N ASN A 22 -1.80 -7.69 -7.58
CA ASN A 22 -2.80 -6.71 -8.00
C ASN A 22 -4.19 -7.32 -8.04
N ALA A 23 -4.25 -8.64 -8.24
CA ALA A 23 -5.52 -9.35 -8.30
C ALA A 23 -6.17 -9.41 -6.92
N GLY A 24 -5.35 -9.35 -5.87
CA GLY A 24 -5.87 -9.41 -4.52
C GLY A 24 -6.52 -8.10 -4.10
N ALA A 25 -6.05 -6.99 -4.67
CA ALA A 25 -6.59 -5.68 -4.35
C ALA A 25 -7.66 -5.26 -5.36
N THR A 26 -8.56 -6.19 -5.67
CA THR A 26 -9.64 -5.92 -6.61
C THR A 26 -10.42 -4.67 -6.21
N LEU A 27 -11.00 -4.71 -5.01
CA LEU A 27 -11.78 -3.58 -4.51
C LEU A 27 -11.00 -2.82 -3.43
N ARG A 28 -10.12 -3.53 -2.74
CA ARG A 28 -9.31 -2.92 -1.68
C ARG A 28 -8.15 -2.13 -2.27
#